data_5DZZ
#
_entry.id   5DZZ
#
_cell.length_a   111.931
_cell.length_b   64.466
_cell.length_c   74.044
_cell.angle_alpha   90.000
_cell.angle_beta   90.000
_cell.angle_gamma   90.000
#
_symmetry.space_group_name_H-M   'P 21 21 21'
#
loop_
_entity.id
_entity.type
_entity.pdbx_description
1 polymer Desmoplakin
2 water water
#
_entity_poly.entity_id   1
_entity_poly.type   'polypeptide(L)'
_entity_poly.pdbx_seq_one_letter_code
;GAMGSTVDTSKLVFDGLRKKVTAMQLYECQLIDKTTLDKLLKGKKSVEEVASEIQPFLRGAGSIAGASASPKEKYSLVEA
KRKKLISPESTVMLLEAQAATGGIIDPHRNEKLTVDSAIARDLIDFDDRQQIYAAEKAITGFDDPFSGKTVSVSEAIKKN
LIDRETGMRLLEAQIASGGVVDPVNSVFLPKDVALARGLIDRDLYRSLNDPRDSQKNFVDPVTKKKVSYVQLKERCRIEP
HTGLLLLSVQKRSMSFQGIRQPVTVTELVDSGILRPSTVNELESGQISYDEVGERIKDFLQGSSCIAGIYNETTKQKLGI
YEAMKIGLVRPGTALELLEAQAATGFIVDPVSNLRLPVEEAYKRGLVGIEFKEKLLSAERAVTGYNDPETGNIISLFQAM
NKELIEKGHGIRLLEAQIATGGIIDPKESHRLPVDIAYKRGYFNEELSEILSDPSDDTKGFFDPNTEENLTYLQLKERCI
KDEETGLCLLPLKE
;
_entity_poly.pdbx_strand_id   A
#
# COMPACT_ATOMS: atom_id res chain seq x y z
N THR A 6 -14.45 -26.84 53.94
CA THR A 6 -15.17 -26.30 52.79
C THR A 6 -15.18 -24.77 52.80
N VAL A 7 -15.03 -24.19 51.62
CA VAL A 7 -14.95 -22.75 51.47
C VAL A 7 -16.31 -22.15 51.13
N ASP A 8 -16.41 -20.82 51.20
CA ASP A 8 -17.65 -20.12 50.88
C ASP A 8 -18.07 -20.40 49.44
N THR A 9 -19.11 -21.20 49.26
CA THR A 9 -19.56 -21.61 47.93
C THR A 9 -20.30 -20.49 47.21
N SER A 10 -20.67 -19.44 47.94
CA SER A 10 -21.38 -18.31 47.35
C SER A 10 -20.41 -17.39 46.63
N LYS A 11 -19.12 -17.53 46.92
CA LYS A 11 -18.10 -16.68 46.33
C LYS A 11 -17.37 -17.40 45.19
N LEU A 12 -17.82 -18.60 44.86
CA LEU A 12 -17.23 -19.36 43.77
C LEU A 12 -17.87 -18.99 42.43
N VAL A 13 -17.78 -17.72 42.06
CA VAL A 13 -18.36 -17.24 40.81
C VAL A 13 -17.29 -16.72 39.85
N PHE A 14 -17.57 -16.83 38.56
CA PHE A 14 -16.64 -16.39 37.53
C PHE A 14 -17.31 -15.35 36.64
N ASP A 15 -16.50 -14.54 35.95
CA ASP A 15 -17.03 -13.54 35.03
C ASP A 15 -17.11 -14.07 33.60
N GLY A 16 -18.33 -14.24 33.11
CA GLY A 16 -18.54 -14.69 31.75
C GLY A 16 -18.62 -13.52 30.78
N LEU A 17 -19.19 -13.77 29.61
CA LEU A 17 -19.29 -12.75 28.57
C LEU A 17 -20.25 -11.63 28.98
N ARG A 18 -21.35 -12.00 29.63
CA ARG A 18 -22.35 -11.02 30.05
C ARG A 18 -22.85 -11.30 31.47
N LYS A 19 -22.76 -12.56 31.89
CA LYS A 19 -23.28 -12.97 33.18
C LYS A 19 -22.18 -13.48 34.11
N LYS A 20 -22.55 -13.71 35.37
CA LYS A 20 -21.69 -14.42 36.30
C LYS A 20 -21.83 -15.91 36.05
N VAL A 21 -20.73 -16.65 36.22
CA VAL A 21 -20.76 -18.09 36.04
C VAL A 21 -20.27 -18.82 37.28
N THR A 22 -21.09 -19.72 37.80
CA THR A 22 -20.73 -20.48 38.99
C THR A 22 -19.81 -21.64 38.64
N ALA A 23 -19.18 -22.22 39.66
CA ALA A 23 -18.28 -23.35 39.47
C ALA A 23 -19.04 -24.59 39.02
N MET A 24 -20.30 -24.69 39.43
CA MET A 24 -21.15 -25.82 39.07
C MET A 24 -21.53 -25.77 37.60
N GLN A 25 -21.77 -24.56 37.10
CA GLN A 25 -22.09 -24.38 35.68
C GLN A 25 -20.90 -24.75 34.81
N LEU A 26 -19.71 -24.43 35.28
CA LEU A 26 -18.48 -24.77 34.56
C LEU A 26 -18.28 -26.28 34.50
N TYR A 27 -18.75 -26.98 35.53
CA TYR A 27 -18.66 -28.43 35.56
C TYR A 27 -19.71 -29.06 34.66
N GLU A 28 -20.90 -28.46 34.64
CA GLU A 28 -21.98 -28.93 33.80
C GLU A 28 -21.66 -28.67 32.33
N CYS A 29 -21.01 -27.55 32.05
CA CYS A 29 -20.62 -27.20 30.69
C CYS A 29 -19.33 -27.91 30.29
N GLN A 30 -18.83 -28.74 31.19
CA GLN A 30 -17.62 -29.54 30.96
C GLN A 30 -16.41 -28.68 30.62
N LEU A 31 -16.29 -27.55 31.30
CA LEU A 31 -15.13 -26.68 31.14
C LEU A 31 -14.07 -27.01 32.18
N ILE A 32 -14.52 -27.53 33.32
CA ILE A 32 -13.62 -28.01 34.37
C ILE A 32 -13.97 -29.45 34.72
N ASP A 33 -12.99 -30.21 35.21
CA ASP A 33 -13.22 -31.60 35.57
C ASP A 33 -13.65 -31.74 37.03
N LYS A 34 -13.92 -32.98 37.44
CA LYS A 34 -14.36 -33.27 38.80
C LYS A 34 -13.27 -32.95 39.82
N THR A 35 -12.03 -33.13 39.41
CA THR A 35 -10.89 -32.86 40.28
C THR A 35 -10.76 -31.35 40.57
N THR A 36 -10.90 -30.55 39.53
CA THR A 36 -10.81 -29.10 39.66
C THR A 36 -11.95 -28.55 40.52
N LEU A 37 -13.15 -29.09 40.32
CA LEU A 37 -14.34 -28.63 41.03
C LEU A 37 -14.22 -28.84 42.54
N ASP A 38 -13.74 -30.02 42.94
CA ASP A 38 -13.61 -30.35 44.35
C ASP A 38 -12.52 -29.52 45.02
N LYS A 39 -11.45 -29.24 44.29
CA LYS A 39 -10.35 -28.44 44.82
C LYS A 39 -10.79 -26.98 45.02
N LEU A 40 -11.84 -26.58 44.32
CA LEU A 40 -12.44 -25.26 44.52
C LEU A 40 -13.25 -25.25 45.80
N LEU A 41 -13.97 -26.33 46.05
CA LEU A 41 -14.81 -26.47 47.22
C LEU A 41 -13.97 -26.69 48.48
N LYS A 42 -12.72 -27.10 48.29
CA LYS A 42 -11.82 -27.36 49.41
C LYS A 42 -10.87 -26.20 49.64
N GLY A 43 -10.34 -25.64 48.55
CA GLY A 43 -9.42 -24.53 48.63
C GLY A 43 -8.05 -24.84 48.10
N LYS A 44 -7.88 -26.04 47.54
CA LYS A 44 -6.62 -26.44 46.95
C LYS A 44 -6.32 -25.63 45.70
N LYS A 45 -7.38 -25.25 45.00
CA LYS A 45 -7.28 -24.36 43.85
C LYS A 45 -8.07 -23.09 44.08
N SER A 46 -7.56 -21.97 43.60
CA SER A 46 -8.23 -20.69 43.75
C SER A 46 -9.15 -20.41 42.56
N VAL A 47 -10.07 -19.48 42.74
CA VAL A 47 -10.97 -19.06 41.66
C VAL A 47 -10.18 -18.40 40.53
N GLU A 48 -9.22 -17.56 40.91
CA GLU A 48 -8.40 -16.84 39.95
C GLU A 48 -7.46 -17.77 39.20
N GLU A 49 -7.01 -18.83 39.88
CA GLU A 49 -6.09 -19.79 39.28
C GLU A 49 -6.79 -20.65 38.24
N VAL A 50 -8.04 -21.00 38.51
CA VAL A 50 -8.84 -21.81 37.58
C VAL A 50 -9.28 -20.97 36.39
N ALA A 51 -9.69 -19.73 36.67
CA ALA A 51 -10.16 -18.82 35.63
C ALA A 51 -9.06 -18.47 34.63
N SER A 52 -7.81 -18.59 35.08
CA SER A 52 -6.66 -18.27 34.23
C SER A 52 -6.38 -19.38 33.22
N GLU A 53 -7.04 -20.52 33.39
CA GLU A 53 -6.81 -21.68 32.53
C GLU A 53 -8.01 -21.96 31.62
N ILE A 54 -9.09 -21.21 31.82
CA ILE A 54 -10.28 -21.36 30.99
C ILE A 54 -10.73 -20.01 30.45
N GLN A 55 -9.77 -19.12 30.22
CA GLN A 55 -10.04 -17.78 29.69
C GLN A 55 -10.71 -17.74 28.31
N PRO A 56 -10.24 -18.56 27.34
CA PRO A 56 -10.93 -18.50 26.05
C PRO A 56 -12.36 -19.03 26.09
N PHE A 57 -12.66 -19.83 27.11
CA PHE A 57 -14.02 -20.36 27.28
C PHE A 57 -14.89 -19.39 28.08
N LEU A 58 -14.23 -18.53 28.86
CA LEU A 58 -14.93 -17.62 29.74
C LEU A 58 -15.25 -16.28 29.08
N ARG A 59 -14.27 -15.72 28.36
CA ARG A 59 -14.45 -14.41 27.73
C ARG A 59 -14.02 -14.40 26.28
N GLY A 60 -13.71 -15.57 25.73
CA GLY A 60 -13.28 -15.66 24.34
C GLY A 60 -11.78 -15.50 24.20
N ALA A 61 -11.22 -16.15 23.18
CA ALA A 61 -9.78 -16.10 22.94
C ALA A 61 -9.33 -14.71 22.51
N GLY A 62 -10.22 -13.99 21.83
CA GLY A 62 -9.91 -12.65 21.35
C GLY A 62 -10.17 -12.48 19.87
N SER A 63 -11.02 -11.53 19.53
CA SER A 63 -11.36 -11.27 18.14
C SER A 63 -10.56 -10.10 17.58
N ILE A 64 -10.71 -9.85 16.28
CA ILE A 64 -10.03 -8.72 15.63
C ILE A 64 -10.59 -7.40 16.17
N ALA A 65 -9.78 -6.70 16.96
CA ALA A 65 -10.24 -5.52 17.68
C ALA A 65 -10.18 -4.25 16.82
N GLY A 66 -9.40 -4.30 15.74
CA GLY A 66 -9.27 -3.15 14.87
C GLY A 66 -8.14 -3.29 13.88
N ALA A 67 -7.61 -2.17 13.42
CA ALA A 67 -6.53 -2.17 12.44
C ALA A 67 -5.28 -1.46 12.96
N SER A 68 -4.17 -1.65 12.26
CA SER A 68 -2.91 -1.03 12.64
C SER A 68 -2.02 -0.83 11.41
N ALA A 69 -2.07 0.38 10.84
CA ALA A 69 -1.28 0.70 9.66
C ALA A 69 0.22 0.72 10.01
N SER A 70 0.55 1.39 11.10
CA SER A 70 1.93 1.45 11.58
C SER A 70 2.02 0.84 12.98
N PRO A 71 3.15 0.17 13.28
CA PRO A 71 3.39 -0.54 14.54
C PRO A 71 3.06 0.26 15.80
N LYS A 72 3.11 1.59 15.71
CA LYS A 72 2.81 2.43 16.88
C LYS A 72 1.34 2.82 16.95
N GLU A 73 0.92 3.74 16.08
CA GLU A 73 -0.44 4.26 16.13
C GLU A 73 -1.43 3.36 15.41
N LYS A 74 -2.57 3.14 16.04
CA LYS A 74 -3.58 2.20 15.56
C LYS A 74 -4.89 2.88 15.21
N TYR A 75 -5.79 2.13 14.58
CA TYR A 75 -7.11 2.64 14.21
C TYR A 75 -8.19 1.63 14.57
N SER A 76 -9.40 2.12 14.82
CA SER A 76 -10.54 1.23 14.99
C SER A 76 -11.06 0.85 13.60
N LEU A 77 -12.01 -0.09 13.56
CA LEU A 77 -12.55 -0.58 12.31
C LEU A 77 -13.30 0.51 11.53
N VAL A 78 -13.94 1.42 12.26
CA VAL A 78 -14.69 2.50 11.63
C VAL A 78 -13.77 3.63 11.18
N GLU A 79 -12.67 3.82 11.90
CA GLU A 79 -11.69 4.85 11.55
C GLU A 79 -10.94 4.46 10.28
N ALA A 80 -10.53 3.20 10.22
CA ALA A 80 -9.78 2.69 9.07
C ALA A 80 -10.64 2.72 7.80
N LYS A 81 -11.95 2.60 7.97
CA LYS A 81 -12.87 2.65 6.84
C LYS A 81 -12.92 4.06 6.27
N ARG A 82 -13.05 5.05 7.15
CA ARG A 82 -13.11 6.45 6.75
C ARG A 82 -11.78 6.92 6.15
N LYS A 83 -10.69 6.28 6.55
CA LYS A 83 -9.38 6.59 6.00
C LYS A 83 -9.08 5.70 4.80
N LYS A 84 -10.11 4.96 4.37
CA LYS A 84 -10.05 4.08 3.21
C LYS A 84 -8.93 3.04 3.31
N LEU A 85 -8.78 2.47 4.50
CA LEU A 85 -7.83 1.38 4.71
C LEU A 85 -8.58 0.05 4.67
N ILE A 86 -9.86 0.11 5.02
CA ILE A 86 -10.73 -1.07 5.02
C ILE A 86 -12.01 -0.77 4.24
N SER A 87 -12.41 -1.71 3.38
CA SER A 87 -13.65 -1.56 2.62
C SER A 87 -14.86 -1.55 3.55
N PRO A 88 -15.91 -0.79 3.18
CA PRO A 88 -17.14 -0.70 3.97
C PRO A 88 -17.79 -2.06 4.20
N GLU A 89 -17.74 -2.92 3.18
CA GLU A 89 -18.36 -4.24 3.24
C GLU A 89 -17.72 -5.10 4.31
N SER A 90 -16.39 -5.14 4.33
CA SER A 90 -15.65 -5.94 5.30
C SER A 90 -15.72 -5.32 6.70
N THR A 91 -15.92 -4.00 6.74
CA THR A 91 -16.03 -3.30 8.02
C THR A 91 -17.22 -3.78 8.82
N VAL A 92 -18.35 -4.00 8.13
CA VAL A 92 -19.55 -4.50 8.76
C VAL A 92 -19.35 -5.91 9.30
N MET A 93 -18.77 -6.77 8.47
CA MET A 93 -18.56 -8.17 8.82
C MET A 93 -17.65 -8.34 10.04
N LEU A 94 -16.61 -7.51 10.13
CA LEU A 94 -15.69 -7.57 11.24
C LEU A 94 -16.33 -7.03 12.52
N LEU A 95 -17.25 -6.08 12.37
CA LEU A 95 -18.00 -5.56 13.51
C LEU A 95 -19.03 -6.58 13.98
N GLU A 96 -19.60 -7.33 13.03
CA GLU A 96 -20.51 -8.41 13.36
C GLU A 96 -19.81 -9.46 14.21
N ALA A 97 -18.56 -9.75 13.87
CA ALA A 97 -17.76 -10.74 14.58
C ALA A 97 -17.47 -10.30 16.02
N GLN A 98 -17.19 -9.02 16.20
CA GLN A 98 -16.91 -8.48 17.53
C GLN A 98 -18.13 -8.61 18.45
N ALA A 99 -19.29 -8.26 17.92
CA ALA A 99 -20.53 -8.29 18.71
C ALA A 99 -20.94 -9.72 19.02
N ALA A 100 -20.47 -10.66 18.20
CA ALA A 100 -20.86 -12.06 18.36
C ALA A 100 -19.87 -12.85 19.23
N THR A 101 -18.77 -12.21 19.62
CA THR A 101 -17.73 -12.89 20.37
C THR A 101 -17.39 -12.22 21.70
N GLY A 102 -18.06 -11.10 21.99
CA GLY A 102 -17.83 -10.40 23.26
C GLY A 102 -18.44 -9.02 23.30
N GLY A 103 -18.50 -8.36 22.15
CA GLY A 103 -19.01 -7.01 22.06
C GLY A 103 -18.12 -6.12 21.22
N ILE A 104 -18.62 -4.94 20.86
CA ILE A 104 -17.84 -4.01 20.04
C ILE A 104 -16.64 -3.49 20.81
N ILE A 105 -15.45 -3.61 20.21
CA ILE A 105 -14.21 -3.24 20.88
C ILE A 105 -13.84 -1.78 20.64
N ASP A 106 -13.48 -1.10 21.73
CA ASP A 106 -12.89 0.23 21.65
C ASP A 106 -11.40 0.11 21.88
N PRO A 107 -10.62 0.01 20.78
CA PRO A 107 -9.18 -0.26 20.86
C PRO A 107 -8.38 0.87 21.50
N HIS A 108 -8.95 2.07 21.53
CA HIS A 108 -8.25 3.21 22.12
C HIS A 108 -8.51 3.33 23.61
N ARG A 109 -9.38 2.47 24.14
CA ARG A 109 -9.66 2.43 25.57
C ARG A 109 -9.67 1.01 26.10
N ASN A 110 -9.43 0.05 25.21
CA ASN A 110 -9.33 -1.37 25.57
C ASN A 110 -10.55 -1.88 26.34
N GLU A 111 -11.72 -1.83 25.70
CA GLU A 111 -12.96 -2.21 26.36
C GLU A 111 -13.89 -3.03 25.47
N LYS A 112 -14.69 -3.87 26.10
CA LYS A 112 -15.80 -4.55 25.42
C LYS A 112 -17.09 -3.76 25.63
N LEU A 113 -17.62 -3.20 24.56
CA LEU A 113 -18.81 -2.37 24.65
C LEU A 113 -20.05 -3.05 24.07
N THR A 114 -21.20 -2.79 24.67
CA THR A 114 -22.46 -3.21 24.09
C THR A 114 -22.75 -2.36 22.87
N VAL A 115 -23.67 -2.81 22.02
CA VAL A 115 -24.00 -2.07 20.80
C VAL A 115 -24.53 -0.68 21.13
N ASP A 116 -25.29 -0.58 22.22
CA ASP A 116 -25.79 0.71 22.69
C ASP A 116 -24.64 1.66 23.01
N SER A 117 -23.66 1.18 23.76
CA SER A 117 -22.51 1.98 24.14
C SER A 117 -21.63 2.30 22.93
N ALA A 118 -21.60 1.38 21.98
CA ALA A 118 -20.79 1.55 20.77
C ALA A 118 -21.32 2.67 19.90
N ILE A 119 -22.65 2.78 19.81
CA ILE A 119 -23.27 3.88 19.07
C ILE A 119 -22.98 5.20 19.76
N ALA A 120 -22.98 5.18 21.08
CA ALA A 120 -22.76 6.38 21.88
C ALA A 120 -21.35 6.93 21.72
N ARG A 121 -20.41 6.05 21.39
CA ARG A 121 -19.01 6.47 21.24
C ARG A 121 -18.60 6.52 19.76
N ASP A 122 -19.58 6.48 18.87
CA ASP A 122 -19.35 6.56 17.43
C ASP A 122 -18.41 5.48 16.91
N LEU A 123 -18.50 4.29 17.50
CA LEU A 123 -17.73 3.14 17.04
C LEU A 123 -18.46 2.39 15.93
N ILE A 124 -19.73 2.75 15.72
CA ILE A 124 -20.55 2.11 14.71
C ILE A 124 -21.25 3.15 13.84
N ASP A 125 -21.22 2.94 12.52
CA ASP A 125 -21.89 3.85 11.58
C ASP A 125 -23.40 3.77 11.72
N PHE A 126 -24.11 4.56 10.93
CA PHE A 126 -25.57 4.66 11.07
C PHE A 126 -26.31 3.56 10.31
N ASP A 127 -25.84 3.24 9.10
CA ASP A 127 -26.52 2.26 8.26
C ASP A 127 -26.32 0.83 8.74
N ASP A 128 -25.19 0.58 9.40
CA ASP A 128 -24.87 -0.76 9.88
C ASP A 128 -25.38 -0.98 11.29
N ARG A 129 -26.27 -0.11 11.74
CA ARG A 129 -26.75 -0.12 13.12
C ARG A 129 -27.60 -1.35 13.43
N GLN A 130 -28.56 -1.66 12.56
CA GLN A 130 -29.50 -2.75 12.81
C GLN A 130 -28.87 -4.12 12.59
N GLN A 131 -27.85 -4.17 11.74
CA GLN A 131 -27.19 -5.44 11.42
C GLN A 131 -26.34 -5.94 12.60
N ILE A 132 -25.83 -5.01 13.38
CA ILE A 132 -24.95 -5.36 14.51
C ILE A 132 -25.78 -5.67 15.75
N TYR A 133 -26.95 -5.05 15.87
CA TYR A 133 -27.89 -5.38 16.93
C TYR A 133 -28.25 -6.86 16.88
N ALA A 134 -28.41 -7.38 15.66
CA ALA A 134 -28.75 -8.78 15.45
C ALA A 134 -27.56 -9.69 15.77
N ALA A 135 -26.37 -9.24 15.39
CA ALA A 135 -25.15 -10.00 15.64
C ALA A 135 -24.84 -10.09 17.13
N GLU A 136 -25.29 -9.09 17.88
CA GLU A 136 -25.10 -9.04 19.32
C GLU A 136 -25.88 -10.15 20.01
N LYS A 137 -26.98 -10.56 19.39
CA LYS A 137 -27.85 -11.58 19.95
C LYS A 137 -27.23 -12.97 19.89
N ALA A 138 -26.04 -13.07 19.29
CA ALA A 138 -25.31 -14.33 19.21
C ALA A 138 -24.82 -14.75 20.59
N ILE A 139 -24.78 -13.79 21.51
CA ILE A 139 -24.33 -14.05 22.87
C ILE A 139 -25.49 -13.86 23.84
N THR A 140 -26.30 -12.84 23.62
CA THR A 140 -27.48 -12.59 24.44
C THR A 140 -28.52 -13.68 24.25
N GLY A 141 -28.73 -14.08 23.01
CA GLY A 141 -29.72 -15.08 22.67
C GLY A 141 -30.86 -14.50 21.86
N PHE A 142 -31.49 -15.33 21.04
CA PHE A 142 -32.61 -14.91 20.22
C PHE A 142 -33.93 -15.32 20.86
N ASP A 143 -34.83 -14.35 21.03
CA ASP A 143 -36.14 -14.63 21.61
C ASP A 143 -37.08 -15.24 20.58
N ASP A 144 -37.34 -16.53 20.71
CA ASP A 144 -38.27 -17.22 19.81
C ASP A 144 -39.71 -16.97 20.26
N PRO A 145 -40.49 -16.31 19.39
CA PRO A 145 -41.88 -15.94 19.71
C PRO A 145 -42.82 -17.14 19.74
N PHE A 146 -42.34 -18.30 19.35
CA PHE A 146 -43.17 -19.51 19.30
C PHE A 146 -42.96 -20.38 20.53
N SER A 147 -41.70 -20.65 20.87
CA SER A 147 -41.37 -21.50 22.00
C SER A 147 -41.36 -20.72 23.31
N GLY A 148 -40.85 -19.49 23.27
CA GLY A 148 -40.74 -18.67 24.46
C GLY A 148 -39.35 -18.75 25.06
N LYS A 149 -38.50 -19.54 24.42
CA LYS A 149 -37.12 -19.70 24.87
C LYS A 149 -36.19 -18.69 24.23
N THR A 150 -35.03 -18.48 24.84
CA THR A 150 -33.98 -17.67 24.25
C THR A 150 -32.95 -18.61 23.63
N VAL A 151 -32.90 -18.64 22.30
CA VAL A 151 -32.11 -19.63 21.58
C VAL A 151 -30.78 -19.10 21.05
N SER A 152 -29.88 -20.02 20.72
CA SER A 152 -28.58 -19.65 20.17
C SER A 152 -28.69 -19.32 18.68
N VAL A 153 -27.56 -19.04 18.04
CA VAL A 153 -27.54 -18.67 16.63
C VAL A 153 -27.99 -19.82 15.74
N SER A 154 -27.45 -21.01 16.02
CA SER A 154 -27.78 -22.20 15.24
C SER A 154 -29.27 -22.45 15.18
N GLU A 155 -29.93 -22.35 16.33
CA GLU A 155 -31.37 -22.54 16.41
C GLU A 155 -32.10 -21.34 15.80
N ALA A 156 -31.49 -20.15 15.91
CA ALA A 156 -32.06 -18.95 15.33
C ALA A 156 -32.05 -19.05 13.80
N ILE A 157 -31.04 -19.73 13.27
CA ILE A 157 -30.97 -19.99 11.84
C ILE A 157 -32.06 -20.98 11.42
N LYS A 158 -32.23 -22.04 12.22
CA LYS A 158 -33.24 -23.05 11.95
C LYS A 158 -34.66 -22.49 12.09
N LYS A 159 -34.87 -21.65 13.10
CA LYS A 159 -36.16 -21.03 13.34
C LYS A 159 -36.39 -19.85 12.40
N ASN A 160 -35.43 -19.60 11.51
CA ASN A 160 -35.48 -18.48 10.58
C ASN A 160 -35.60 -17.14 11.30
N LEU A 161 -34.95 -17.03 12.46
CA LEU A 161 -34.94 -15.78 13.22
C LEU A 161 -33.82 -14.88 12.71
N ILE A 162 -32.83 -15.49 12.07
CA ILE A 162 -31.74 -14.76 11.45
C ILE A 162 -31.40 -15.42 10.11
N ASP A 163 -31.01 -14.62 9.13
CA ASP A 163 -30.65 -15.14 7.82
C ASP A 163 -29.45 -16.07 7.92
N ARG A 164 -29.35 -17.02 7.01
CA ARG A 164 -28.32 -18.04 7.06
C ARG A 164 -26.93 -17.44 6.88
N GLU A 165 -26.80 -16.47 5.99
CA GLU A 165 -25.52 -15.83 5.69
C GLU A 165 -24.86 -15.24 6.94
N THR A 166 -25.55 -14.31 7.58
CA THR A 166 -25.03 -13.67 8.78
C THR A 166 -24.77 -14.69 9.88
N GLY A 167 -25.70 -15.62 10.04
CA GLY A 167 -25.59 -16.66 11.05
C GLY A 167 -24.34 -17.50 10.91
N MET A 168 -23.91 -17.74 9.68
CA MET A 168 -22.71 -18.52 9.42
C MET A 168 -21.45 -17.73 9.77
N ARG A 169 -21.49 -16.42 9.55
CA ARG A 169 -20.39 -15.55 9.94
C ARG A 169 -20.18 -15.59 11.45
N LEU A 170 -21.27 -15.45 12.18
CA LEU A 170 -21.23 -15.41 13.64
C LEU A 170 -20.69 -16.72 14.20
N LEU A 171 -21.17 -17.84 13.66
CA LEU A 171 -20.70 -19.15 14.10
C LEU A 171 -19.22 -19.34 13.80
N GLU A 172 -18.78 -18.87 12.62
CA GLU A 172 -17.39 -18.96 12.23
C GLU A 172 -16.50 -18.13 13.13
N ALA A 173 -16.96 -16.93 13.47
CA ALA A 173 -16.21 -16.02 14.32
C ALA A 173 -16.07 -16.56 15.74
N GLN A 174 -17.13 -17.21 16.22
CA GLN A 174 -17.13 -17.77 17.57
C GLN A 174 -16.19 -18.97 17.67
N ILE A 175 -16.25 -19.86 16.69
CA ILE A 175 -15.42 -21.05 16.66
C ILE A 175 -13.93 -20.68 16.65
N ALA A 176 -13.60 -19.63 15.89
CA ALA A 176 -12.23 -19.15 15.84
C ALA A 176 -11.83 -18.44 17.13
N SER A 177 -12.81 -18.22 18.00
CA SER A 177 -12.58 -17.55 19.27
C SER A 177 -12.63 -18.53 20.44
N GLY A 178 -12.77 -19.81 20.14
CA GLY A 178 -12.82 -20.84 21.17
C GLY A 178 -13.80 -21.96 20.90
N GLY A 179 -15.01 -21.61 20.51
CA GLY A 179 -16.04 -22.60 20.23
C GLY A 179 -17.41 -21.99 20.03
N VAL A 180 -18.43 -22.66 20.53
CA VAL A 180 -19.80 -22.18 20.37
C VAL A 180 -20.31 -21.54 21.66
N VAL A 181 -20.84 -20.33 21.54
CA VAL A 181 -21.35 -19.59 22.69
C VAL A 181 -22.66 -20.16 23.21
N ASP A 182 -22.71 -20.39 24.53
CA ASP A 182 -23.95 -20.77 25.20
C ASP A 182 -24.57 -19.54 25.83
N PRO A 183 -25.60 -18.96 25.18
CA PRO A 183 -26.22 -17.69 25.58
C PRO A 183 -26.74 -17.67 27.02
N VAL A 184 -27.46 -18.70 27.44
CA VAL A 184 -28.05 -18.73 28.76
C VAL A 184 -26.98 -18.79 29.86
N ASN A 185 -25.90 -19.51 29.57
CA ASN A 185 -24.78 -19.60 30.51
C ASN A 185 -23.76 -18.51 30.29
N SER A 186 -23.86 -17.82 29.16
CA SER A 186 -22.94 -16.75 28.79
C SER A 186 -21.48 -17.21 28.83
N VAL A 187 -21.19 -18.27 28.09
CA VAL A 187 -19.88 -18.89 28.12
C VAL A 187 -19.60 -19.67 26.82
N PHE A 188 -18.34 -19.71 26.42
CA PHE A 188 -17.93 -20.48 25.25
C PHE A 188 -17.84 -21.97 25.56
N LEU A 189 -18.36 -22.78 24.65
CA LEU A 189 -18.24 -24.24 24.75
C LEU A 189 -17.42 -24.77 23.59
N PRO A 190 -16.51 -25.73 23.87
CA PRO A 190 -15.75 -26.42 22.83
C PRO A 190 -16.67 -27.05 21.78
N LYS A 191 -16.14 -27.25 20.58
CA LYS A 191 -16.95 -27.76 19.46
C LYS A 191 -17.55 -29.14 19.73
N ASP A 192 -16.75 -30.02 20.33
CA ASP A 192 -17.18 -31.41 20.54
C ASP A 192 -18.34 -31.53 21.52
N VAL A 193 -18.30 -30.74 22.59
CA VAL A 193 -19.35 -30.79 23.60
C VAL A 193 -20.58 -30.01 23.13
N ALA A 194 -20.35 -28.99 22.31
CA ALA A 194 -21.44 -28.19 21.76
C ALA A 194 -22.28 -29.00 20.79
N LEU A 195 -21.64 -29.93 20.09
CA LEU A 195 -22.33 -30.82 19.16
C LEU A 195 -23.18 -31.84 19.90
N ALA A 196 -22.67 -32.32 21.03
CA ALA A 196 -23.32 -33.37 21.80
C ALA A 196 -24.67 -32.92 22.35
N ARG A 197 -24.73 -31.69 22.85
CA ARG A 197 -25.96 -31.16 23.44
C ARG A 197 -26.75 -30.33 22.43
N GLY A 198 -26.37 -30.40 21.16
CA GLY A 198 -27.09 -29.74 20.10
C GLY A 198 -27.09 -28.23 20.15
N LEU A 199 -26.05 -27.65 20.72
CA LEU A 199 -25.91 -26.19 20.77
C LEU A 199 -25.62 -25.67 19.37
N ILE A 200 -25.05 -26.53 18.54
CA ILE A 200 -24.85 -26.24 17.12
C ILE A 200 -25.21 -27.49 16.31
N ASP A 201 -25.97 -27.29 15.23
CA ASP A 201 -26.44 -28.41 14.42
C ASP A 201 -25.30 -29.08 13.67
N ARG A 202 -25.41 -30.40 13.48
CA ARG A 202 -24.44 -31.18 12.73
C ARG A 202 -24.32 -30.69 11.30
N ASP A 203 -25.47 -30.39 10.69
CA ASP A 203 -25.54 -29.99 9.29
C ASP A 203 -24.87 -28.63 9.06
N LEU A 204 -25.14 -27.68 9.95
CA LEU A 204 -24.53 -26.36 9.85
C LEU A 204 -23.04 -26.44 10.08
N TYR A 205 -22.64 -27.28 11.04
CA TYR A 205 -21.24 -27.48 11.37
C TYR A 205 -20.50 -28.14 10.22
N ARG A 206 -21.20 -29.02 9.49
CA ARG A 206 -20.62 -29.72 8.36
C ARG A 206 -20.37 -28.74 7.20
N SER A 207 -21.34 -27.87 6.95
CA SER A 207 -21.23 -26.88 5.90
C SER A 207 -20.23 -25.79 6.28
N LEU A 208 -19.83 -25.78 7.55
CA LEU A 208 -18.88 -24.81 8.07
C LEU A 208 -17.45 -25.30 7.89
N ASN A 209 -17.29 -26.57 7.54
CA ASN A 209 -15.97 -27.16 7.34
C ASN A 209 -15.69 -27.46 5.87
N ASP A 210 -16.68 -27.23 5.01
CA ASP A 210 -16.52 -27.45 3.58
C ASP A 210 -16.19 -26.14 2.87
N PRO A 211 -14.99 -26.06 2.28
CA PRO A 211 -14.51 -24.86 1.58
C PRO A 211 -15.37 -24.47 0.37
N ARG A 212 -16.20 -25.39 -0.10
CA ARG A 212 -17.06 -25.14 -1.24
C ARG A 212 -18.52 -24.95 -0.82
N ASP A 213 -18.75 -24.73 0.47
CA ASP A 213 -20.10 -24.51 0.99
C ASP A 213 -20.19 -23.16 1.70
N SER A 214 -19.89 -23.14 2.99
CA SER A 214 -19.92 -21.91 3.77
C SER A 214 -18.79 -21.88 4.79
N GLN A 215 -17.59 -22.24 4.34
CA GLN A 215 -16.41 -22.21 5.20
C GLN A 215 -15.89 -20.79 5.37
N LYS A 216 -15.80 -20.07 4.25
CA LYS A 216 -15.34 -18.69 4.27
C LYS A 216 -16.51 -17.74 4.12
N ASN A 217 -16.82 -17.00 5.19
CA ASN A 217 -17.95 -16.09 5.19
C ASN A 217 -17.55 -14.63 5.34
N PHE A 218 -16.24 -14.37 5.30
CA PHE A 218 -15.74 -13.00 5.41
C PHE A 218 -15.06 -12.58 4.10
N VAL A 219 -14.86 -11.28 3.95
CA VAL A 219 -14.21 -10.75 2.74
C VAL A 219 -12.95 -9.96 3.09
N ASP A 220 -12.03 -9.87 2.13
CA ASP A 220 -10.78 -9.14 2.30
C ASP A 220 -11.05 -7.65 2.46
N PRO A 221 -10.25 -6.97 3.30
CA PRO A 221 -10.35 -5.51 3.48
C PRO A 221 -10.04 -4.74 2.20
N VAL A 222 -8.92 -5.06 1.55
CA VAL A 222 -8.52 -4.35 0.34
C VAL A 222 -9.26 -4.88 -0.88
N THR A 223 -8.95 -6.11 -1.27
CA THR A 223 -9.63 -6.76 -2.39
C THR A 223 -11.02 -7.22 -1.97
N LYS A 224 -11.73 -7.88 -2.87
CA LYS A 224 -13.06 -8.38 -2.56
C LYS A 224 -13.09 -9.90 -2.51
N LYS A 225 -11.94 -10.50 -2.19
CA LYS A 225 -11.83 -11.95 -2.17
C LYS A 225 -12.47 -12.54 -0.92
N LYS A 226 -13.16 -13.67 -1.09
CA LYS A 226 -13.79 -14.37 0.01
C LYS A 226 -12.74 -15.06 0.88
N VAL A 227 -12.70 -14.72 2.16
CA VAL A 227 -11.71 -15.28 3.08
C VAL A 227 -12.36 -15.81 4.36
N SER A 228 -11.62 -16.62 5.10
CA SER A 228 -12.08 -17.12 6.39
C SER A 228 -11.63 -16.18 7.50
N TYR A 229 -12.23 -16.31 8.67
CA TYR A 229 -11.90 -15.45 9.80
C TYR A 229 -10.51 -15.78 10.36
N VAL A 230 -10.14 -17.05 10.28
CA VAL A 230 -8.83 -17.49 10.74
C VAL A 230 -7.72 -16.90 9.87
N GLN A 231 -7.96 -16.87 8.56
CA GLN A 231 -7.00 -16.30 7.62
C GLN A 231 -6.74 -14.83 7.90
N LEU A 232 -7.77 -14.12 8.34
CA LEU A 232 -7.62 -12.70 8.68
C LEU A 232 -6.88 -12.54 10.01
N LYS A 233 -7.12 -13.46 10.94
CA LYS A 233 -6.44 -13.43 12.23
C LYS A 233 -4.95 -13.71 12.09
N GLU A 234 -4.60 -14.48 11.05
CA GLU A 234 -3.20 -14.78 10.76
C GLU A 234 -2.50 -13.59 10.12
N ARG A 235 -3.27 -12.53 9.87
CA ARG A 235 -2.77 -11.31 9.27
C ARG A 235 -2.84 -10.16 10.28
N CYS A 236 -2.94 -10.51 11.56
CA CYS A 236 -3.11 -9.51 12.61
C CYS A 236 -1.88 -9.35 13.49
N ARG A 237 -1.69 -8.13 13.99
CA ARG A 237 -0.64 -7.84 14.96
C ARG A 237 -1.22 -7.86 16.36
N ILE A 238 -0.43 -8.33 17.33
CA ILE A 238 -0.84 -8.30 18.72
C ILE A 238 -0.17 -7.13 19.45
N GLU A 239 -0.98 -6.19 19.93
CA GLU A 239 -0.47 -5.05 20.66
C GLU A 239 0.10 -5.48 22.01
N PRO A 240 1.37 -5.14 22.26
CA PRO A 240 2.10 -5.52 23.47
C PRO A 240 1.41 -5.11 24.77
N HIS A 241 0.88 -3.90 24.80
CA HIS A 241 0.32 -3.34 26.03
C HIS A 241 -1.06 -3.90 26.36
N THR A 242 -1.96 -3.90 25.39
CA THR A 242 -3.35 -4.27 25.63
C THR A 242 -3.65 -5.74 25.29
N GLY A 243 -2.79 -6.35 24.48
CA GLY A 243 -2.99 -7.72 24.07
C GLY A 243 -4.08 -7.83 23.02
N LEU A 244 -4.43 -6.70 22.40
CA LEU A 244 -5.48 -6.67 21.40
C LEU A 244 -5.02 -7.27 20.08
N LEU A 245 -5.98 -7.66 19.26
CA LEU A 245 -5.69 -8.26 17.96
C LEU A 245 -5.99 -7.26 16.84
N LEU A 246 -4.95 -6.65 16.29
CA LEU A 246 -5.13 -5.60 15.29
C LEU A 246 -4.71 -6.06 13.90
N LEU A 247 -5.61 -5.91 12.93
CA LEU A 247 -5.36 -6.32 11.56
C LEU A 247 -4.37 -5.39 10.86
N SER A 248 -3.31 -5.98 10.30
CA SER A 248 -2.29 -5.20 9.61
C SER A 248 -2.77 -4.73 8.25
N VAL A 249 -3.01 -3.42 8.14
CA VAL A 249 -3.46 -2.83 6.87
C VAL A 249 -2.39 -1.93 6.28
N GLN A 250 -2.32 -1.89 4.95
CA GLN A 250 -1.34 -1.06 4.26
C GLN A 250 -1.93 0.29 3.88
N LYS A 251 -1.43 1.35 4.52
CA LYS A 251 -1.84 2.71 4.18
C LYS A 251 -1.15 3.13 2.89
N ARG A 252 -0.03 2.48 2.60
CA ARG A 252 0.78 2.77 1.41
C ARG A 252 1.15 4.25 1.36
N SER A 253 0.70 4.91 0.30
CA SER A 253 0.90 6.35 0.11
C SER A 253 2.39 6.74 0.14
N MET A 254 3.25 5.79 -0.17
CA MET A 254 4.69 6.05 -0.19
C MET A 254 5.17 6.24 -1.63
N SER A 255 5.98 7.27 -1.85
CA SER A 255 6.41 7.61 -3.20
C SER A 255 7.86 8.11 -3.23
N PHE A 256 8.44 8.10 -4.42
CA PHE A 256 9.76 8.68 -4.65
C PHE A 256 9.64 9.84 -5.63
N GLN A 257 10.44 10.87 -5.42
CA GLN A 257 10.39 12.05 -6.27
C GLN A 257 10.88 11.76 -7.69
N GLY A 258 10.03 12.05 -8.67
CA GLY A 258 10.39 11.87 -10.06
C GLY A 258 11.06 13.10 -10.64
N ILE A 259 10.80 13.37 -11.91
CA ILE A 259 11.38 14.52 -12.59
C ILE A 259 10.66 15.82 -12.20
N ARG A 260 9.32 15.77 -12.24
CA ARG A 260 8.52 16.95 -11.95
C ARG A 260 7.57 16.71 -10.78
N GLN A 261 7.20 15.45 -10.56
CA GLN A 261 6.24 15.11 -9.52
C GLN A 261 6.63 13.81 -8.82
N PRO A 262 6.15 13.60 -7.58
CA PRO A 262 6.38 12.35 -6.86
C PRO A 262 5.81 11.14 -7.60
N VAL A 263 6.50 10.01 -7.52
CA VAL A 263 6.07 8.78 -8.17
C VAL A 263 5.73 7.71 -7.14
N THR A 264 4.47 7.32 -7.09
CA THR A 264 4.01 6.31 -6.14
C THR A 264 4.77 5.00 -6.28
N VAL A 265 4.93 4.29 -5.18
CA VAL A 265 5.66 3.02 -5.17
C VAL A 265 4.88 1.96 -5.94
N THR A 266 3.58 2.19 -6.10
CA THR A 266 2.72 1.28 -6.86
C THR A 266 2.97 1.43 -8.35
N GLU A 267 3.31 2.64 -8.78
CA GLU A 267 3.61 2.91 -10.18
C GLU A 267 4.95 2.31 -10.57
N LEU A 268 5.89 2.33 -9.63
CA LEU A 268 7.24 1.82 -9.87
C LEU A 268 7.26 0.32 -10.14
N VAL A 269 6.37 -0.43 -9.49
CA VAL A 269 6.30 -1.87 -9.70
C VAL A 269 5.49 -2.18 -10.96
N ASP A 270 4.71 -1.21 -11.41
CA ASP A 270 3.95 -1.36 -12.65
C ASP A 270 4.85 -1.06 -13.85
N SER A 271 5.83 -0.19 -13.63
CA SER A 271 6.80 0.14 -14.67
C SER A 271 7.98 -0.82 -14.61
N GLY A 272 7.93 -1.77 -13.69
CA GLY A 272 8.98 -2.76 -13.55
C GLY A 272 10.27 -2.19 -12.98
N ILE A 273 10.15 -1.11 -12.21
CA ILE A 273 11.31 -0.46 -11.60
C ILE A 273 11.67 -1.13 -10.28
N LEU A 274 10.65 -1.49 -9.51
CA LEU A 274 10.85 -2.13 -8.21
C LEU A 274 10.20 -3.51 -8.16
N ARG A 275 10.92 -4.49 -7.62
CA ARG A 275 10.36 -5.81 -7.38
C ARG A 275 9.39 -5.72 -6.21
N PRO A 276 8.21 -6.35 -6.34
CA PRO A 276 7.17 -6.35 -5.31
C PRO A 276 7.68 -6.89 -3.96
N SER A 277 8.68 -7.76 -4.03
CA SER A 277 9.25 -8.35 -2.82
C SER A 277 10.00 -7.32 -1.98
N THR A 278 10.51 -6.28 -2.64
CA THR A 278 11.30 -5.25 -1.96
C THR A 278 10.43 -4.08 -1.50
N VAL A 279 9.20 -4.02 -1.99
CA VAL A 279 8.30 -2.92 -1.69
C VAL A 279 7.62 -3.09 -0.33
N ASN A 280 6.91 -4.20 -0.16
CA ASN A 280 6.25 -4.48 1.11
C ASN A 280 7.26 -4.86 2.18
N GLU A 281 8.48 -5.14 1.75
CA GLU A 281 9.60 -5.33 2.66
C GLU A 281 10.07 -3.97 3.17
N LEU A 282 9.87 -2.95 2.34
CA LEU A 282 10.17 -1.58 2.71
C LEU A 282 9.01 -0.99 3.52
N GLU A 283 7.79 -1.37 3.17
CA GLU A 283 6.60 -0.93 3.87
C GLU A 283 6.60 -1.45 5.31
N SER A 284 7.12 -2.65 5.50
CA SER A 284 7.21 -3.25 6.83
C SER A 284 8.32 -2.59 7.65
N GLY A 285 9.26 -1.95 6.97
CA GLY A 285 10.32 -1.24 7.63
C GLY A 285 11.59 -2.06 7.80
N GLN A 286 11.61 -3.25 7.17
CA GLN A 286 12.76 -4.14 7.26
C GLN A 286 14.00 -3.50 6.63
N ILE A 287 13.81 -2.86 5.49
CA ILE A 287 14.90 -2.17 4.80
C ILE A 287 14.69 -0.66 4.86
N SER A 288 15.66 0.10 4.37
CA SER A 288 15.62 1.56 4.46
C SER A 288 15.12 2.22 3.18
N TYR A 289 14.54 3.40 3.34
CA TYR A 289 13.98 4.16 2.22
C TYR A 289 15.08 4.67 1.28
N ASP A 290 16.16 5.18 1.86
CA ASP A 290 17.23 5.78 1.09
C ASP A 290 17.99 4.77 0.23
N GLU A 291 17.98 3.51 0.66
CA GLU A 291 18.71 2.46 -0.05
C GLU A 291 17.91 1.94 -1.24
N VAL A 292 16.59 1.98 -1.13
CA VAL A 292 15.71 1.60 -2.24
C VAL A 292 15.80 2.63 -3.35
N GLY A 293 15.73 3.90 -2.99
CA GLY A 293 15.82 4.98 -3.96
C GLY A 293 17.20 5.08 -4.59
N GLU A 294 18.20 4.52 -3.90
CA GLU A 294 19.57 4.51 -4.40
C GLU A 294 19.70 3.69 -5.68
N ARG A 295 19.11 2.49 -5.67
CA ARG A 295 19.20 1.58 -6.79
C ARG A 295 18.49 2.13 -8.04
N ILE A 296 17.33 2.74 -7.83
CA ILE A 296 16.51 3.20 -8.94
C ILE A 296 16.70 4.70 -9.22
N LYS A 297 17.89 5.19 -8.89
CA LYS A 297 18.23 6.61 -9.06
C LYS A 297 18.08 7.08 -10.50
N ASP A 298 18.53 6.26 -11.44
CA ASP A 298 18.51 6.64 -12.85
C ASP A 298 17.16 6.38 -13.51
N PHE A 299 16.20 5.89 -12.73
CA PHE A 299 14.84 5.70 -13.24
C PHE A 299 13.92 6.82 -12.76
N LEU A 300 14.24 7.39 -11.60
CA LEU A 300 13.41 8.44 -11.01
C LEU A 300 13.60 9.77 -11.72
N GLN A 301 14.85 10.12 -12.02
CA GLN A 301 15.15 11.36 -12.72
C GLN A 301 16.34 11.23 -13.66
N GLY A 302 16.66 9.99 -14.03
CA GLY A 302 17.64 9.72 -15.07
C GLY A 302 19.09 9.95 -14.71
N SER A 303 19.97 9.50 -15.61
CA SER A 303 21.41 9.67 -15.45
C SER A 303 21.81 11.11 -15.75
N SER A 304 23.09 11.43 -15.55
CA SER A 304 23.59 12.76 -15.83
C SER A 304 23.67 13.01 -17.33
N CYS A 305 23.25 14.19 -17.75
CA CYS A 305 23.36 14.60 -19.14
C CYS A 305 24.68 15.31 -19.37
N ILE A 306 24.90 15.79 -20.58
CA ILE A 306 26.05 16.64 -20.86
C ILE A 306 25.79 17.99 -20.21
N ALA A 307 26.15 18.10 -18.94
CA ALA A 307 25.74 19.23 -18.10
C ALA A 307 26.52 20.51 -18.39
N GLY A 308 27.73 20.37 -18.89
CA GLY A 308 28.54 21.55 -19.17
C GLY A 308 29.84 21.26 -19.88
N ILE A 309 30.82 22.14 -19.68
CA ILE A 309 32.09 22.07 -20.38
C ILE A 309 33.26 22.30 -19.44
N TYR A 310 34.29 21.45 -19.56
CA TYR A 310 35.51 21.63 -18.79
C TYR A 310 36.62 22.19 -19.68
N ASN A 311 36.87 23.49 -19.57
CA ASN A 311 37.95 24.13 -20.30
C ASN A 311 39.31 23.69 -19.77
N GLU A 312 39.97 22.80 -20.51
CA GLU A 312 41.24 22.24 -20.07
C GLU A 312 42.38 23.25 -20.08
N THR A 313 42.19 24.34 -20.82
CA THR A 313 43.22 25.37 -20.93
C THR A 313 43.31 26.19 -19.65
N THR A 314 42.16 26.53 -19.08
CA THR A 314 42.11 27.36 -17.88
C THR A 314 41.75 26.55 -16.64
N LYS A 315 41.48 25.25 -16.85
CA LYS A 315 41.12 24.34 -15.77
C LYS A 315 39.89 24.85 -15.01
N GLN A 316 38.82 25.14 -15.74
CA GLN A 316 37.60 25.67 -15.14
C GLN A 316 36.36 24.94 -15.61
N LYS A 317 35.43 24.72 -14.69
CA LYS A 317 34.12 24.18 -15.02
C LYS A 317 33.18 25.34 -15.36
N LEU A 318 32.45 25.21 -16.46
CA LEU A 318 31.54 26.27 -16.87
C LEU A 318 30.34 25.74 -17.65
N GLY A 319 29.20 26.39 -17.50
CA GLY A 319 28.00 26.02 -18.20
C GLY A 319 28.13 26.18 -19.70
N ILE A 320 27.26 25.51 -20.45
CA ILE A 320 27.29 25.54 -21.90
C ILE A 320 27.02 26.95 -22.44
N TYR A 321 26.04 27.64 -21.87
CA TYR A 321 25.69 28.98 -22.32
C TYR A 321 26.81 29.98 -22.05
N GLU A 322 27.56 29.74 -20.98
CA GLU A 322 28.70 30.59 -20.65
C GLU A 322 29.90 30.30 -21.53
N ALA A 323 29.98 29.06 -22.02
CA ALA A 323 31.08 28.65 -22.89
C ALA A 323 30.93 29.28 -24.28
N MET A 324 29.69 29.52 -24.68
CA MET A 324 29.41 30.14 -25.97
C MET A 324 29.84 31.60 -25.99
N LYS A 325 29.61 32.29 -24.86
CA LYS A 325 29.99 33.70 -24.74
C LYS A 325 31.50 33.89 -24.88
N ILE A 326 32.26 32.85 -24.54
CA ILE A 326 33.71 32.89 -24.70
C ILE A 326 34.10 32.47 -26.11
N GLY A 327 33.27 31.64 -26.73
CA GLY A 327 33.52 31.19 -28.08
C GLY A 327 34.04 29.76 -28.12
N LEU A 328 33.87 29.05 -27.01
CA LEU A 328 34.30 27.66 -26.92
C LEU A 328 33.43 26.75 -27.78
N VAL A 329 32.15 27.12 -27.91
CA VAL A 329 31.22 26.38 -28.75
C VAL A 329 30.34 27.31 -29.57
N ARG A 330 30.00 26.88 -30.78
CA ARG A 330 29.11 27.65 -31.64
C ARG A 330 27.70 27.67 -31.06
N PRO A 331 26.92 28.72 -31.37
CA PRO A 331 25.53 28.81 -30.93
C PRO A 331 24.68 27.64 -31.38
N GLY A 332 25.02 27.06 -32.53
CA GLY A 332 24.31 25.89 -33.03
C GLY A 332 24.57 24.68 -32.16
N THR A 333 25.81 24.52 -31.74
CA THR A 333 26.21 23.41 -30.88
C THR A 333 25.64 23.58 -29.48
N ALA A 334 25.62 24.82 -29.00
CA ALA A 334 25.14 25.13 -27.66
C ALA A 334 23.64 24.89 -27.53
N LEU A 335 22.89 25.21 -28.58
CA LEU A 335 21.44 25.09 -28.56
C LEU A 335 20.97 23.65 -28.41
N GLU A 336 21.52 22.76 -29.23
CA GLU A 336 21.12 21.36 -29.21
C GLU A 336 21.53 20.67 -27.91
N LEU A 337 22.59 21.15 -27.29
CA LEU A 337 23.03 20.61 -26.01
C LEU A 337 22.13 21.08 -24.87
N LEU A 338 21.60 22.30 -25.00
CA LEU A 338 20.74 22.87 -23.99
C LEU A 338 19.34 22.25 -24.04
N GLU A 339 18.83 22.05 -25.25
CA GLU A 339 17.51 21.44 -25.43
C GLU A 339 17.56 19.96 -25.07
N ALA A 340 18.75 19.37 -25.17
CA ALA A 340 18.96 18.00 -24.74
C ALA A 340 18.81 17.91 -23.22
N GLN A 341 19.27 18.95 -22.53
CA GLN A 341 19.11 19.05 -21.09
C GLN A 341 17.65 19.27 -20.72
N ALA A 342 16.97 20.10 -21.50
CA ALA A 342 15.56 20.42 -21.27
C ALA A 342 14.68 19.22 -21.57
N ALA A 343 15.12 18.37 -22.49
CA ALA A 343 14.36 17.18 -22.85
C ALA A 343 14.60 16.05 -21.86
N THR A 344 15.57 16.25 -20.96
CA THR A 344 15.88 15.24 -19.95
C THR A 344 15.48 15.70 -18.56
N GLY A 345 14.82 16.84 -18.48
CA GLY A 345 14.29 17.31 -17.22
C GLY A 345 14.70 18.71 -16.78
N PHE A 346 16.01 18.92 -16.66
CA PHE A 346 16.50 20.17 -16.08
C PHE A 346 17.62 20.82 -16.87
N ILE A 347 17.75 22.14 -16.72
CA ILE A 347 18.92 22.87 -17.19
C ILE A 347 19.93 22.89 -16.04
N VAL A 348 21.17 22.51 -16.33
CA VAL A 348 22.14 22.28 -15.26
C VAL A 348 23.28 23.30 -15.25
N ASP A 349 23.60 23.79 -14.06
CA ASP A 349 24.78 24.64 -13.86
C ASP A 349 25.86 23.83 -13.14
N PRO A 350 26.90 23.43 -13.89
CA PRO A 350 27.94 22.53 -13.38
C PRO A 350 28.79 23.11 -12.26
N VAL A 351 28.84 24.43 -12.14
CA VAL A 351 29.68 25.07 -11.13
C VAL A 351 28.92 25.23 -9.80
N SER A 352 27.60 25.41 -9.88
CA SER A 352 26.79 25.59 -8.68
C SER A 352 26.00 24.32 -8.36
N ASN A 353 26.08 23.33 -9.26
CA ASN A 353 25.37 22.07 -9.12
C ASN A 353 23.85 22.27 -8.97
N LEU A 354 23.31 23.20 -9.75
CA LEU A 354 21.87 23.47 -9.73
C LEU A 354 21.17 22.79 -10.90
N ARG A 355 19.97 22.29 -10.66
CA ARG A 355 19.16 21.64 -11.68
C ARG A 355 17.77 22.28 -11.72
N LEU A 356 17.53 23.08 -12.75
CA LEU A 356 16.32 23.91 -12.80
C LEU A 356 15.53 23.72 -14.09
N PRO A 357 14.21 23.96 -14.03
CA PRO A 357 13.39 24.04 -15.25
C PRO A 357 13.83 25.21 -16.13
N VAL A 358 13.36 25.25 -17.37
CA VAL A 358 13.80 26.26 -18.33
C VAL A 358 13.49 27.69 -17.86
N GLU A 359 12.29 27.89 -17.31
CA GLU A 359 11.88 29.20 -16.85
C GLU A 359 12.77 29.74 -15.72
N GLU A 360 13.08 28.89 -14.75
CA GLU A 360 13.92 29.30 -13.63
C GLU A 360 15.37 29.49 -14.08
N ALA A 361 15.78 28.75 -15.10
CA ALA A 361 17.12 28.87 -15.67
C ALA A 361 17.28 30.23 -16.34
N TYR A 362 16.20 30.70 -16.97
CA TYR A 362 16.21 31.99 -17.63
C TYR A 362 16.25 33.14 -16.63
N LYS A 363 15.60 32.94 -15.49
CA LYS A 363 15.54 33.95 -14.45
C LYS A 363 16.89 34.17 -13.76
N ARG A 364 17.79 33.20 -13.91
CA ARG A 364 19.06 33.25 -13.20
C ARG A 364 20.25 33.34 -14.15
N GLY A 365 19.97 33.53 -15.43
CA GLY A 365 21.00 33.80 -16.41
C GLY A 365 21.65 32.57 -17.03
N LEU A 366 21.17 31.39 -16.66
CA LEU A 366 21.69 30.15 -17.21
C LEU A 366 21.36 29.99 -18.69
N VAL A 367 20.27 30.65 -19.12
CA VAL A 367 19.82 30.57 -20.50
C VAL A 367 19.36 31.94 -21.01
N GLY A 368 19.85 32.35 -22.16
CA GLY A 368 19.47 33.62 -22.75
C GLY A 368 18.08 33.60 -23.35
N ILE A 369 17.67 34.73 -23.96
CA ILE A 369 16.32 34.86 -24.49
C ILE A 369 16.23 34.31 -25.91
N GLU A 370 17.36 34.14 -26.58
CA GLU A 370 17.37 33.61 -27.94
C GLU A 370 17.11 32.11 -27.97
N PHE A 371 17.29 31.46 -26.83
CA PHE A 371 17.09 30.01 -26.74
C PHE A 371 15.86 29.67 -25.90
N LYS A 372 15.26 30.68 -25.28
CA LYS A 372 14.18 30.47 -24.32
C LYS A 372 12.98 29.73 -24.91
N GLU A 373 12.50 30.20 -26.06
CA GLU A 373 11.33 29.59 -26.70
C GLU A 373 11.60 28.16 -27.15
N LYS A 374 12.74 27.95 -27.80
CA LYS A 374 13.11 26.64 -28.30
C LYS A 374 13.35 25.63 -27.17
N LEU A 375 13.78 26.15 -26.02
CA LEU A 375 14.04 25.30 -24.86
C LEU A 375 12.75 24.96 -24.11
N LEU A 376 11.80 25.89 -24.12
CA LEU A 376 10.48 25.62 -23.55
C LEU A 376 9.77 24.54 -24.35
N SER A 377 10.00 24.54 -25.66
CA SER A 377 9.42 23.53 -26.54
C SER A 377 10.04 22.17 -26.30
N ALA A 378 11.35 22.15 -26.04
CA ALA A 378 12.06 20.90 -25.79
C ALA A 378 11.70 20.34 -24.41
N GLU A 379 11.26 21.21 -23.52
CA GLU A 379 10.89 20.81 -22.17
C GLU A 379 9.54 20.09 -22.17
N ARG A 380 8.84 20.15 -23.30
CA ARG A 380 7.58 19.43 -23.45
C ARG A 380 7.83 17.93 -23.60
N ALA A 381 9.09 17.57 -23.76
CA ALA A 381 9.46 16.16 -23.89
C ALA A 381 9.47 15.46 -22.54
N VAL A 382 9.31 16.23 -21.46
CA VAL A 382 9.28 15.66 -20.12
C VAL A 382 7.91 15.85 -19.46
N THR A 383 7.13 16.81 -19.95
CA THR A 383 5.83 17.11 -19.37
C THR A 383 4.67 16.79 -20.32
N GLY A 384 5.00 16.60 -21.59
CA GLY A 384 3.99 16.23 -22.57
C GLY A 384 3.74 17.28 -23.65
N TYR A 385 3.42 16.81 -24.85
CA TYR A 385 3.06 17.69 -25.96
C TYR A 385 1.55 17.79 -26.11
N ASN A 386 1.04 19.00 -26.29
CA ASN A 386 -0.39 19.19 -26.49
C ASN A 386 -0.80 18.85 -27.91
N ASP A 387 -1.68 17.86 -28.05
CA ASP A 387 -2.19 17.45 -29.36
C ASP A 387 -3.37 18.31 -29.76
N PRO A 388 -3.21 19.10 -30.84
CA PRO A 388 -4.22 20.05 -31.32
C PRO A 388 -5.54 19.41 -31.74
N GLU A 389 -5.56 18.09 -31.90
CA GLU A 389 -6.75 17.39 -32.34
C GLU A 389 -7.51 16.74 -31.19
N THR A 390 -6.77 16.13 -30.27
CA THR A 390 -7.40 15.40 -29.16
C THR A 390 -7.56 16.30 -27.94
N GLY A 391 -6.64 17.24 -27.76
CA GLY A 391 -6.71 18.19 -26.67
C GLY A 391 -5.99 17.74 -25.41
N ASN A 392 -5.46 16.52 -25.45
CA ASN A 392 -4.71 15.99 -24.30
C ASN A 392 -3.23 15.86 -24.61
N ILE A 393 -2.43 15.60 -23.57
CA ILE A 393 -0.98 15.54 -23.71
C ILE A 393 -0.50 14.16 -24.18
N ILE A 394 0.42 14.17 -25.13
CA ILE A 394 1.02 12.94 -25.63
C ILE A 394 2.53 12.98 -25.38
N SER A 395 3.22 11.91 -25.76
CA SER A 395 4.66 11.82 -25.50
C SER A 395 5.49 12.40 -26.64
N LEU A 396 6.80 12.43 -26.45
CA LEU A 396 7.73 12.91 -27.46
C LEU A 396 7.67 12.08 -28.73
N PHE A 397 7.68 10.76 -28.56
CA PHE A 397 7.62 9.81 -29.67
C PHE A 397 6.32 9.94 -30.44
N GLN A 398 5.20 10.12 -29.72
CA GLN A 398 3.90 10.23 -30.35
C GLN A 398 3.72 11.59 -31.04
N ALA A 399 4.31 12.62 -30.47
CA ALA A 399 4.26 13.95 -31.06
C ALA A 399 5.06 13.98 -32.36
N MET A 400 6.08 13.13 -32.44
CA MET A 400 6.91 13.02 -33.63
C MET A 400 6.15 12.37 -34.77
N ASN A 401 5.41 11.31 -34.45
CA ASN A 401 4.64 10.59 -35.45
C ASN A 401 3.45 11.40 -35.97
N LYS A 402 2.96 12.32 -35.14
CA LYS A 402 1.82 13.15 -35.52
C LYS A 402 2.26 14.51 -36.03
N GLU A 403 3.56 14.60 -36.33
CA GLU A 403 4.15 15.78 -36.99
C GLU A 403 3.92 17.08 -36.23
N LEU A 404 3.96 17.02 -34.91
CA LEU A 404 3.88 18.23 -34.10
C LEU A 404 5.27 18.86 -34.01
N ILE A 405 6.29 18.03 -34.07
CA ILE A 405 7.66 18.49 -34.19
C ILE A 405 8.34 17.73 -35.33
N GLU A 406 9.39 18.31 -35.90
CA GLU A 406 10.07 17.68 -37.03
C GLU A 406 10.89 16.48 -36.57
N LYS A 407 11.23 15.60 -37.52
CA LYS A 407 11.87 14.33 -37.22
C LYS A 407 13.29 14.52 -36.68
N GLY A 408 14.06 15.37 -37.32
CA GLY A 408 15.43 15.63 -36.92
C GLY A 408 15.53 16.11 -35.48
N HIS A 409 14.63 17.01 -35.12
CA HIS A 409 14.59 17.54 -33.75
C HIS A 409 14.12 16.48 -32.78
N GLY A 410 13.20 15.61 -33.22
CA GLY A 410 12.65 14.58 -32.36
C GLY A 410 13.59 13.42 -32.10
N ILE A 411 14.39 13.07 -33.09
CA ILE A 411 15.32 11.95 -32.97
C ILE A 411 16.44 12.24 -31.96
N ARG A 412 16.98 13.45 -32.01
CA ARG A 412 18.07 13.82 -31.12
C ARG A 412 17.61 13.91 -29.66
N LEU A 413 16.34 14.22 -29.46
CA LEU A 413 15.78 14.29 -28.11
C LEU A 413 15.51 12.90 -27.56
N LEU A 414 15.13 11.98 -28.44
CA LEU A 414 14.85 10.60 -28.05
C LEU A 414 16.12 9.90 -27.56
N GLU A 415 17.19 9.99 -28.35
CA GLU A 415 18.44 9.33 -28.01
C GLU A 415 19.09 9.99 -26.80
N ALA A 416 18.71 11.24 -26.51
CA ALA A 416 19.19 11.94 -25.34
C ALA A 416 18.57 11.34 -24.07
N GLN A 417 17.30 10.96 -24.17
CA GLN A 417 16.60 10.35 -23.04
C GLN A 417 17.10 8.93 -22.80
N ILE A 418 17.32 8.18 -23.89
CA ILE A 418 17.80 6.81 -23.81
C ILE A 418 19.20 6.74 -23.20
N ALA A 419 20.02 7.73 -23.52
CA ALA A 419 21.41 7.77 -23.05
C ALA A 419 21.49 8.21 -21.59
N THR A 420 20.38 8.72 -21.05
CA THR A 420 20.37 9.21 -19.68
C THR A 420 19.32 8.49 -18.82
N GLY A 421 19.18 7.18 -19.02
CA GLY A 421 18.26 6.40 -18.20
C GLY A 421 17.19 5.66 -18.98
N GLY A 422 16.63 6.31 -19.99
CA GLY A 422 15.60 5.71 -20.81
C GLY A 422 14.50 6.68 -21.19
N ILE A 423 13.49 6.16 -21.90
CA ILE A 423 12.36 6.98 -22.36
C ILE A 423 11.60 7.59 -21.20
N ILE A 424 11.34 8.89 -21.28
CA ILE A 424 10.61 9.61 -20.25
C ILE A 424 9.10 9.42 -20.36
N ASP A 425 8.48 8.99 -19.27
CA ASP A 425 7.03 8.90 -19.19
C ASP A 425 6.49 10.28 -18.81
N PRO A 426 5.75 10.93 -19.73
CA PRO A 426 5.29 12.31 -19.53
C PRO A 426 4.09 12.43 -18.59
N LYS A 427 3.50 11.32 -18.18
CA LYS A 427 2.35 11.36 -17.29
C LYS A 427 2.69 10.84 -15.90
N GLU A 428 3.82 10.15 -15.77
CA GLU A 428 4.26 9.62 -14.49
C GLU A 428 5.58 10.23 -14.05
N SER A 429 6.21 10.96 -14.97
CA SER A 429 7.42 11.73 -14.69
C SER A 429 8.59 10.87 -14.19
N HIS A 430 8.87 9.78 -14.89
CA HIS A 430 10.04 8.97 -14.59
C HIS A 430 10.49 8.18 -15.82
N ARG A 431 11.70 7.62 -15.75
CA ARG A 431 12.26 6.86 -16.87
C ARG A 431 11.66 5.46 -16.92
N LEU A 432 11.23 5.06 -18.11
CA LEU A 432 10.68 3.72 -18.31
C LEU A 432 11.73 2.77 -18.87
N PRO A 433 11.67 1.50 -18.49
CA PRO A 433 12.45 0.47 -19.18
C PRO A 433 12.00 0.38 -20.64
N VAL A 434 12.91 0.07 -21.55
CA VAL A 434 12.61 0.12 -22.98
C VAL A 434 11.48 -0.83 -23.39
N ASP A 435 11.16 -1.78 -22.51
CA ASP A 435 10.08 -2.72 -22.79
C ASP A 435 8.73 -2.15 -22.37
N ILE A 436 8.74 -1.35 -21.31
CA ILE A 436 7.51 -0.73 -20.82
C ILE A 436 7.06 0.39 -21.75
N ALA A 437 8.03 1.08 -22.35
CA ALA A 437 7.75 2.15 -23.29
C ALA A 437 7.00 1.64 -24.51
N TYR A 438 7.25 0.38 -24.87
CA TYR A 438 6.55 -0.24 -25.98
C TYR A 438 5.06 -0.41 -25.68
N LYS A 439 4.77 -0.92 -24.48
CA LYS A 439 3.41 -1.19 -24.04
C LYS A 439 2.56 0.09 -24.00
N ARG A 440 3.14 1.16 -23.49
CA ARG A 440 2.42 2.41 -23.31
C ARG A 440 2.51 3.28 -24.56
N GLY A 441 3.33 2.87 -25.52
CA GLY A 441 3.43 3.56 -26.79
C GLY A 441 4.23 4.85 -26.75
N TYR A 442 5.22 4.91 -25.88
CA TYR A 442 6.08 6.08 -25.79
C TYR A 442 7.38 5.85 -26.55
N PHE A 443 7.46 4.72 -27.24
CA PHE A 443 8.61 4.38 -28.06
C PHE A 443 8.25 3.24 -29.02
N ASN A 444 9.22 2.83 -29.85
CA ASN A 444 9.00 1.78 -30.82
C ASN A 444 10.19 0.84 -30.91
N GLU A 445 9.92 -0.46 -30.99
CA GLU A 445 10.98 -1.46 -31.10
C GLU A 445 11.67 -1.34 -32.47
N GLU A 446 10.93 -0.83 -33.45
CA GLU A 446 11.47 -0.62 -34.79
C GLU A 446 12.28 0.67 -34.86
N LEU A 447 12.57 1.24 -33.70
CA LEU A 447 13.31 2.50 -33.63
C LEU A 447 14.46 2.38 -32.63
N SER A 448 14.37 1.38 -31.75
CA SER A 448 15.41 1.15 -30.75
C SER A 448 16.69 0.65 -31.39
N GLU A 449 16.54 -0.16 -32.43
CA GLU A 449 17.70 -0.70 -33.14
C GLU A 449 18.32 0.33 -34.08
N ILE A 450 17.50 1.27 -34.53
CA ILE A 450 17.97 2.35 -35.40
C ILE A 450 18.81 3.34 -34.62
N LEU A 451 18.36 3.66 -33.40
CA LEU A 451 19.09 4.60 -32.55
C LEU A 451 20.24 3.91 -31.83
N SER A 452 20.26 2.58 -31.87
CA SER A 452 21.32 1.81 -31.22
C SER A 452 22.64 2.01 -31.96
N ASP A 453 22.66 1.62 -33.23
CA ASP A 453 23.86 1.76 -34.05
C ASP A 453 23.90 3.13 -34.73
N PRO A 454 25.01 3.86 -34.57
CA PRO A 454 25.20 5.18 -35.19
C PRO A 454 25.05 5.14 -36.70
N SER A 455 23.99 5.75 -37.22
CA SER A 455 23.72 5.74 -38.65
C SER A 455 23.84 7.14 -39.26
N ASP A 456 23.29 7.30 -40.46
CA ASP A 456 23.39 8.56 -41.18
C ASP A 456 22.47 9.63 -40.60
N ASP A 457 21.26 9.24 -40.22
CA ASP A 457 20.25 10.18 -39.78
C ASP A 457 20.31 10.48 -38.28
N THR A 458 21.01 9.63 -37.54
CA THR A 458 20.96 9.67 -36.08
C THR A 458 22.04 10.53 -35.44
N LYS A 459 23.06 10.92 -36.20
CA LYS A 459 24.15 11.71 -35.67
C LYS A 459 23.84 13.20 -35.73
N GLY A 460 22.94 13.66 -34.85
CA GLY A 460 22.49 15.04 -34.86
C GLY A 460 23.22 15.93 -33.88
N PHE A 461 24.23 15.39 -33.20
CA PHE A 461 25.01 16.18 -32.26
C PHE A 461 26.43 16.42 -32.79
N PHE A 462 27.16 17.32 -32.12
CA PHE A 462 28.42 17.81 -32.65
C PHE A 462 29.50 17.90 -31.57
N ASP A 463 30.70 17.44 -31.92
CA ASP A 463 31.85 17.53 -31.01
C ASP A 463 32.78 18.65 -31.44
N PRO A 464 32.83 19.73 -30.65
CA PRO A 464 33.64 20.92 -30.98
C PRO A 464 35.14 20.64 -31.03
N ASN A 465 35.58 19.55 -30.41
CA ASN A 465 37.00 19.19 -30.42
C ASN A 465 37.45 18.64 -31.77
N THR A 466 36.74 17.65 -32.26
CA THR A 466 37.13 16.95 -33.49
C THR A 466 36.29 17.35 -34.69
N GLU A 467 35.29 18.19 -34.44
CA GLU A 467 34.41 18.70 -35.50
C GLU A 467 33.74 17.59 -36.31
N GLU A 468 33.22 16.58 -35.62
CA GLU A 468 32.51 15.50 -36.28
C GLU A 468 31.14 15.27 -35.68
N ASN A 469 30.18 14.89 -36.52
CA ASN A 469 28.81 14.65 -36.06
C ASN A 469 28.68 13.31 -35.35
N LEU A 470 28.10 13.34 -34.15
CA LEU A 470 27.95 12.14 -33.33
C LEU A 470 26.54 12.00 -32.80
N THR A 471 26.22 10.81 -32.31
CA THR A 471 24.99 10.60 -31.55
C THR A 471 25.20 11.17 -30.17
N TYR A 472 24.12 11.30 -29.39
CA TYR A 472 24.25 11.84 -28.05
C TYR A 472 25.04 10.91 -27.15
N LEU A 473 24.91 9.61 -27.40
CA LEU A 473 25.65 8.61 -26.63
C LEU A 473 27.15 8.68 -26.94
N GLN A 474 27.47 8.83 -28.23
CA GLN A 474 28.86 8.94 -28.67
C GLN A 474 29.56 10.14 -28.03
N LEU A 475 28.84 11.26 -27.94
CA LEU A 475 29.39 12.48 -27.36
C LEU A 475 29.49 12.36 -25.84
N LYS A 476 28.50 11.72 -25.24
CA LYS A 476 28.47 11.54 -23.79
C LYS A 476 29.60 10.64 -23.31
N GLU A 477 30.03 9.71 -24.16
CA GLU A 477 31.12 8.80 -23.83
C GLU A 477 32.46 9.52 -23.81
N ARG A 478 32.50 10.71 -24.40
CA ARG A 478 33.73 11.50 -24.47
C ARG A 478 33.85 12.47 -23.30
N CYS A 479 32.89 12.40 -22.38
CA CYS A 479 32.86 13.33 -21.25
C CYS A 479 33.57 12.75 -20.03
N ILE A 480 33.87 13.62 -19.07
CA ILE A 480 34.45 13.20 -17.80
C ILE A 480 33.49 13.55 -16.66
N LYS A 481 33.88 13.21 -15.44
CA LYS A 481 32.98 13.33 -14.29
C LYS A 481 33.59 14.07 -13.11
N ASP A 482 32.86 15.03 -12.57
CA ASP A 482 33.24 15.68 -11.32
C ASP A 482 32.70 14.84 -10.16
N GLU A 483 33.61 14.33 -9.34
CA GLU A 483 33.28 13.35 -8.30
C GLU A 483 32.29 13.86 -7.27
N GLU A 484 32.19 15.18 -7.14
CA GLU A 484 31.37 15.80 -6.10
C GLU A 484 30.04 16.34 -6.64
N THR A 485 29.85 16.21 -7.95
CA THR A 485 28.59 16.63 -8.58
C THR A 485 27.96 15.48 -9.36
N GLY A 486 28.79 14.56 -9.85
CA GLY A 486 28.33 13.43 -10.63
C GLY A 486 27.90 13.83 -12.03
N LEU A 487 28.33 15.00 -12.46
CA LEU A 487 27.95 15.53 -13.76
C LEU A 487 28.95 15.21 -14.86
N CYS A 488 28.47 15.08 -16.09
CA CYS A 488 29.33 14.81 -17.23
C CYS A 488 29.74 16.12 -17.91
N LEU A 489 31.05 16.37 -17.94
CA LEU A 489 31.57 17.57 -18.59
C LEU A 489 32.39 17.21 -19.82
N LEU A 490 32.20 17.97 -20.89
CA LEU A 490 32.94 17.75 -22.13
C LEU A 490 34.24 18.54 -22.14
N PRO A 491 35.38 17.83 -22.15
CA PRO A 491 36.71 18.45 -22.17
C PRO A 491 36.95 19.28 -23.43
N LEU A 492 37.43 20.51 -23.26
CA LEU A 492 37.72 21.38 -24.39
C LEU A 492 39.04 22.12 -24.20
N LYS A 493 39.67 22.46 -25.32
CA LYS A 493 40.93 23.20 -25.29
C LYS A 493 40.79 24.53 -26.05
N GLU A 494 41.81 25.38 -25.93
CA GLU A 494 41.84 26.67 -26.60
C GLU A 494 40.62 27.52 -26.28
#